data_6HMK
#
_entry.id   6HMK
#
_cell.length_a   67.090
_cell.length_b   90.110
_cell.length_c   95.500
_cell.angle_alpha   90.00
_cell.angle_beta   90.00
_cell.angle_gamma   90.00
#
_symmetry.space_group_name_H-M   'P 21 21 21'
#
loop_
_entity.id
_entity.type
_entity.pdbx_description
1 polymer 'Poly(ADP-ribose) glycohydrolase'
2 non-polymer 'DIMETHYL SULFOXIDE'
3 non-polymer GLYCEROL
4 non-polymer 'SULFATE ION'
5 non-polymer 1-methyl-~{N}-(1-methylcyclopropyl)-3-[(2-methyl-1,3-thiazol-5-yl)methyl]-2,4-bis(oxidanylidene)quinazoline-6-sulfonamide
6 water water
#
_entity_poly.entity_id   1
_entity_poly.type   'polypeptide(L)'
_entity_poly.pdbx_seq_one_letter_code
;GSSPDKKWLGTPIEEMRRMPRCGIRLPLLRPSANHTVTIRVDLLRAGEVPKPFPTHYKDLWDNKHVKMPCSEQNLYPVED
ENGERTAGSRWELIQTALLNKFTRPQNLKDAILKYNVAYSKKWDFTALIDFWDKVLEEAEAQHLYQSILPDMVKIALCLP
NICTQPIPLLAAAMNHSITMSQEQIASLLANAFFCTFPRRNAKMKSEYSSYPDINFNRLFEGRSSRKPEKLKTLF(6WK)
YFRRVTAAAPTGLVTFTRQSLEDFPEWERCEKPLTRLHVTYEGTIEENGQGMLQVDFANRFVGGGVTSAGLVQEEIRFLI
NPELIISRLFTEVLDHNECLIITGTEQYSEYTGYAETYRWSRSHEDGSERDDWQRRCTEIVAIDALHFRRYLDQFVPEKM
RRELNKAYCGFLRPGVSSENLSAVATGNWGCGAFGGDARLKALIQILAAAAAERDVVYFTFGDSELMRDIYSMHIFLTER
KLTVGDVYKLLLRYYNEECRNCSTPGPDIKLYPFIYHAVESCAETADHSGQRTGT
;
_entity_poly.pdbx_strand_id   A
#
loop_
_chem_comp.id
_chem_comp.type
_chem_comp.name
_chem_comp.formula
7JC non-polymer 1-methyl-~{N}-(1-methylcyclopropyl)-3-[(2-methyl-1,3-thiazol-5-yl)methyl]-2,4-bis(oxidanylidene)quinazoline-6-sulfonamide 'C18 H20 N4 O4 S2'
DMS non-polymer 'DIMETHYL SULFOXIDE' 'C2 H6 O S'
GOL non-polymer GLYCEROL 'C3 H8 O3'
SO4 non-polymer 'SULFATE ION' 'O4 S -2'
#
# COMPACT_ATOMS: atom_id res chain seq x y z
N ASP A 5 19.50 -24.93 14.65
CA ASP A 5 18.34 -24.52 13.88
C ASP A 5 18.67 -23.40 12.87
N LYS A 6 18.68 -23.75 11.56
CA LYS A 6 18.96 -22.86 10.43
C LYS A 6 17.95 -21.71 10.43
N LYS A 7 18.37 -20.48 10.09
CA LYS A 7 17.46 -19.32 10.11
C LYS A 7 16.68 -19.18 8.79
N TRP A 8 17.16 -19.83 7.76
CA TRP A 8 16.50 -19.82 6.45
C TRP A 8 16.69 -21.19 5.81
N LEU A 9 15.83 -21.51 4.85
CA LEU A 9 15.89 -22.79 4.18
C LEU A 9 15.59 -22.55 2.73
N GLY A 10 16.08 -23.44 1.88
CA GLY A 10 15.82 -23.46 0.45
C GLY A 10 16.92 -22.88 -0.38
N THR A 11 16.54 -22.17 -1.47
CA THR A 11 17.49 -21.50 -2.38
C THR A 11 18.14 -20.30 -1.66
N PRO A 12 19.49 -20.17 -1.69
CA PRO A 12 20.13 -19.00 -1.07
C PRO A 12 19.56 -17.72 -1.66
N ILE A 13 19.42 -16.69 -0.83
CA ILE A 13 18.80 -15.45 -1.24
C ILE A 13 19.61 -14.75 -2.36
N GLU A 14 20.94 -14.90 -2.38
CA GLU A 14 21.82 -14.35 -3.41
C GLU A 14 21.49 -14.90 -4.81
N GLU A 15 20.98 -16.14 -4.87
CA GLU A 15 20.60 -16.79 -6.13
C GLU A 15 19.26 -16.28 -6.70
N MET A 16 18.48 -15.54 -5.87
CA MET A 16 17.16 -15.00 -6.24
C MET A 16 17.26 -13.69 -7.04
N ARG A 17 16.39 -13.48 -8.05
CA ARG A 17 16.41 -12.26 -8.89
C ARG A 17 15.94 -11.01 -8.14
N ARG A 18 16.71 -9.92 -8.31
CA ARG A 18 16.51 -8.58 -7.73
C ARG A 18 16.61 -7.52 -8.87
N MET A 19 16.01 -6.34 -8.65
CA MET A 19 15.94 -5.19 -9.57
C MET A 19 16.80 -3.98 -9.10
N PRO A 20 17.17 -3.02 -10.00
CA PRO A 20 16.85 -2.90 -11.44
C PRO A 20 17.71 -3.82 -12.32
N ARG A 21 18.67 -4.54 -11.70
CA ARG A 21 19.63 -5.46 -12.32
C ARG A 21 18.93 -6.52 -13.21
N CYS A 22 17.90 -7.20 -12.66
CA CYS A 22 17.07 -8.18 -13.39
C CYS A 22 15.68 -7.54 -13.60
N GLY A 23 15.65 -6.68 -14.62
CA GLY A 23 14.51 -5.89 -15.04
C GLY A 23 14.97 -4.90 -16.10
N ILE A 24 14.71 -5.24 -17.37
CA ILE A 24 15.09 -4.54 -18.61
C ILE A 24 15.00 -2.99 -18.56
N ARG A 25 15.85 -2.32 -19.37
CA ARG A 25 15.88 -0.86 -19.52
C ARG A 25 14.49 -0.42 -19.91
N LEU A 26 14.04 0.69 -19.34
CA LEU A 26 12.68 1.18 -19.53
C LEU A 26 12.42 1.85 -20.87
N PRO A 27 11.20 1.71 -21.42
CA PRO A 27 10.85 2.47 -22.63
C PRO A 27 10.69 3.96 -22.26
N LEU A 28 10.73 4.87 -23.25
CA LEU A 28 10.57 6.30 -23.02
C LEU A 28 9.30 6.58 -22.20
N LEU A 29 9.43 7.40 -21.15
CA LEU A 29 8.28 7.73 -20.33
C LEU A 29 7.47 8.70 -21.16
N ARG A 30 6.17 8.42 -21.31
CA ARG A 30 5.32 9.32 -22.09
C ARG A 30 3.87 9.13 -21.74
N PRO A 31 3.06 10.20 -21.79
CA PRO A 31 1.63 10.02 -21.51
C PRO A 31 0.95 9.34 -22.70
N SER A 32 -0.08 8.56 -22.40
CA SER A 32 -0.89 7.84 -23.38
C SER A 32 -2.26 7.65 -22.75
N ALA A 33 -3.17 7.03 -23.51
CA ALA A 33 -4.54 6.75 -23.06
C ALA A 33 -4.59 6.02 -21.70
N ASN A 34 -3.62 5.13 -21.43
CA ASN A 34 -3.55 4.34 -20.21
C ASN A 34 -2.46 4.80 -19.22
N HIS A 35 -1.83 5.94 -19.51
CA HIS A 35 -0.76 6.44 -18.66
C HIS A 35 -0.79 7.95 -18.54
N THR A 36 -1.18 8.44 -17.37
CA THR A 36 -1.19 9.87 -17.01
C THR A 36 0.22 10.21 -16.47
N VAL A 37 0.89 11.20 -17.07
CA VAL A 37 2.22 11.66 -16.67
C VAL A 37 2.09 13.17 -16.36
N THR A 38 2.30 13.55 -15.09
CA THR A 38 2.02 14.91 -14.61
C THR A 38 3.26 15.83 -14.57
N ILE A 39 4.36 15.41 -15.20
CA ILE A 39 5.61 16.18 -15.22
C ILE A 39 6.14 16.31 -16.65
N ARG A 40 7.10 17.23 -16.84
CA ARG A 40 7.73 17.43 -18.15
C ARG A 40 8.81 16.35 -18.36
N VAL A 41 8.48 15.34 -19.17
CA VAL A 41 9.40 14.21 -19.41
C VAL A 41 10.72 14.69 -20.07
N ASP A 42 10.62 15.60 -21.04
CA ASP A 42 11.77 16.16 -21.79
C ASP A 42 12.76 16.88 -20.85
N LEU A 43 12.29 17.32 -19.66
CA LEU A 43 13.11 18.05 -18.69
C LEU A 43 13.49 17.21 -17.46
N LEU A 44 13.10 15.95 -17.45
CA LEU A 44 13.37 15.08 -16.31
C LEU A 44 14.87 14.81 -16.18
N ARG A 45 15.48 15.21 -15.06
CA ARG A 45 16.91 15.01 -14.88
C ARG A 45 17.21 14.58 -13.47
N ALA A 46 18.20 13.69 -13.31
CA ALA A 46 18.62 13.18 -12.02
C ALA A 46 19.02 14.31 -11.09
N GLY A 47 18.48 14.32 -9.89
CA GLY A 47 18.83 15.35 -8.92
C GLY A 47 18.14 16.69 -9.11
N GLU A 48 17.27 16.82 -10.11
CA GLU A 48 16.54 18.08 -10.33
C GLU A 48 15.08 17.85 -10.00
N VAL A 49 14.45 18.85 -9.40
CA VAL A 49 13.02 18.79 -9.08
C VAL A 49 12.25 18.78 -10.43
N PRO A 50 11.36 17.79 -10.68
CA PRO A 50 10.63 17.75 -11.96
C PRO A 50 9.67 18.94 -12.11
N LYS A 51 9.50 19.40 -13.35
CA LYS A 51 8.66 20.55 -13.67
C LYS A 51 7.27 20.01 -13.97
N PRO A 52 6.22 20.59 -13.37
CA PRO A 52 4.86 20.13 -13.69
C PRO A 52 4.45 20.36 -15.15
N PHE A 53 3.67 19.41 -15.70
CA PHE A 53 3.07 19.54 -17.03
C PHE A 53 1.56 19.42 -16.81
N PRO A 54 0.71 20.39 -17.25
CA PRO A 54 1.03 21.63 -17.98
C PRO A 54 1.65 22.70 -17.08
N THR A 55 2.12 23.79 -17.67
CA THR A 55 2.73 24.89 -16.90
C THR A 55 1.74 25.59 -15.96
N HIS A 56 0.52 25.85 -16.43
N HIS A 56 0.52 25.82 -16.42
CA HIS A 56 -0.56 26.54 -15.71
CA HIS A 56 -0.51 26.51 -15.64
C HIS A 56 -1.63 25.54 -15.28
C HIS A 56 -1.64 25.56 -15.28
N TYR A 57 -2.20 25.75 -14.07
CA TYR A 57 -3.26 24.90 -13.51
C TYR A 57 -4.43 24.71 -14.47
N LYS A 58 -4.80 23.45 -14.71
CA LYS A 58 -5.93 23.05 -15.54
C LYS A 58 -6.83 22.25 -14.62
N ASP A 59 -8.12 22.60 -14.56
CA ASP A 59 -9.07 21.99 -13.64
C ASP A 59 -10.10 21.08 -14.33
N LEU A 60 -10.41 19.95 -13.68
CA LEU A 60 -11.50 19.06 -14.09
C LEU A 60 -12.26 18.67 -12.84
N TRP A 61 -13.52 19.09 -12.76
CA TRP A 61 -14.43 18.83 -11.65
C TRP A 61 -15.54 17.92 -12.20
N ASP A 62 -15.30 16.60 -12.17
CA ASP A 62 -16.27 15.65 -12.73
C ASP A 62 -16.19 14.32 -11.98
N ASN A 63 -16.93 13.32 -12.48
CA ASN A 63 -17.00 11.99 -11.90
C ASN A 63 -15.80 11.09 -12.24
N LYS A 64 -14.88 11.56 -13.11
CA LYS A 64 -13.73 10.73 -13.50
C LYS A 64 -12.37 11.25 -12.98
N HIS A 65 -12.36 12.36 -12.26
CA HIS A 65 -11.10 12.91 -11.75
C HIS A 65 -11.21 13.28 -10.28
N VAL A 66 -10.05 13.41 -9.64
CA VAL A 66 -9.96 13.87 -8.26
C VAL A 66 -10.55 15.29 -8.24
N LYS A 67 -11.39 15.57 -7.23
CA LYS A 67 -11.94 16.92 -7.02
C LYS A 67 -10.91 17.66 -6.17
N MET A 68 -10.20 18.59 -6.81
CA MET A 68 -9.13 19.29 -6.16
C MET A 68 -9.63 20.38 -5.22
N PRO A 69 -8.97 20.60 -4.08
CA PRO A 69 -9.43 21.68 -3.17
C PRO A 69 -9.26 23.08 -3.77
N CYS A 70 -8.31 23.24 -4.71
CA CYS A 70 -8.04 24.52 -5.35
C CYS A 70 -8.96 24.82 -6.56
N SER A 71 -9.89 23.91 -6.90
CA SER A 71 -10.84 24.12 -7.99
C SER A 71 -11.74 25.31 -7.72
N GLU A 72 -12.03 26.10 -8.78
CA GLU A 72 -12.96 27.23 -8.72
C GLU A 72 -14.40 26.72 -8.50
N GLN A 73 -14.63 25.41 -8.74
CA GLN A 73 -15.91 24.72 -8.53
C GLN A 73 -16.02 24.27 -7.07
N ASN A 74 -14.93 24.39 -6.27
CA ASN A 74 -14.95 24.02 -4.85
C ASN A 74 -15.58 25.19 -4.09
N LEU A 75 -16.90 25.17 -3.96
CA LEU A 75 -17.65 26.28 -3.40
C LEU A 75 -18.40 25.91 -2.13
N TYR A 76 -18.80 26.94 -1.36
CA TYR A 76 -19.56 26.77 -0.14
C TYR A 76 -20.66 27.83 -0.02
N PRO A 77 -21.86 27.45 0.50
CA PRO A 77 -22.95 28.45 0.66
C PRO A 77 -22.62 29.51 1.71
N VAL A 78 -22.82 30.79 1.33
CA VAL A 78 -22.59 31.96 2.20
C VAL A 78 -23.92 32.74 2.35
N GLU A 79 -24.25 33.12 3.60
CA GLU A 79 -25.47 33.87 3.93
C GLU A 79 -25.16 35.29 4.36
N THR A 86 -25.55 32.99 -2.50
CA THR A 86 -24.16 33.42 -2.69
C THR A 86 -23.18 32.26 -2.40
N ALA A 87 -22.45 31.83 -3.44
CA ALA A 87 -21.46 30.77 -3.33
C ALA A 87 -20.09 31.39 -3.14
N GLY A 88 -19.41 30.96 -2.08
CA GLY A 88 -18.07 31.44 -1.74
C GLY A 88 -17.02 30.45 -2.19
N SER A 89 -15.78 30.92 -2.33
CA SER A 89 -14.69 30.04 -2.74
C SER A 89 -14.11 29.28 -1.55
N ARG A 90 -14.24 27.96 -1.52
CA ARG A 90 -13.64 27.18 -0.41
C ARG A 90 -12.11 27.30 -0.37
N TRP A 91 -11.45 27.41 -1.54
CA TRP A 91 -10.00 27.53 -1.60
C TRP A 91 -9.51 28.79 -0.92
N GLU A 92 -10.21 29.92 -1.13
CA GLU A 92 -9.91 31.22 -0.50
C GLU A 92 -10.09 31.11 1.00
N LEU A 93 -11.14 30.39 1.43
CA LEU A 93 -11.43 30.16 2.84
C LEU A 93 -10.31 29.31 3.50
N ILE A 94 -9.83 28.26 2.80
CA ILE A 94 -8.71 27.42 3.25
C ILE A 94 -7.43 28.29 3.42
N GLN A 95 -7.13 29.15 2.42
CA GLN A 95 -5.91 29.97 2.48
C GLN A 95 -5.97 30.89 3.70
N THR A 96 -7.12 31.55 3.90
CA THR A 96 -7.38 32.45 5.04
C THR A 96 -7.22 31.70 6.36
N ALA A 97 -7.88 30.54 6.50
CA ALA A 97 -7.79 29.71 7.71
C ALA A 97 -6.36 29.24 8.05
N LEU A 98 -5.61 28.72 7.05
CA LEU A 98 -4.28 28.15 7.28
C LEU A 98 -3.16 29.16 7.45
N LEU A 99 -3.32 30.39 6.91
CA LEU A 99 -2.29 31.44 7.00
C LEU A 99 -2.39 32.29 8.27
N ASN A 100 -2.29 31.63 9.39
CA ASN A 100 -2.35 32.20 10.73
C ASN A 100 -1.30 31.52 11.54
N LYS A 101 -0.73 32.21 12.52
CA LYS A 101 0.28 31.52 13.30
C LYS A 101 -0.39 30.58 14.29
N PHE A 102 0.17 29.39 14.43
CA PHE A 102 -0.33 28.43 15.40
C PHE A 102 0.63 28.47 16.56
N THR A 103 0.12 28.52 17.77
CA THR A 103 0.97 28.51 18.97
C THR A 103 0.48 27.45 19.93
N ARG A 104 -0.79 27.04 19.76
CA ARG A 104 -1.48 26.06 20.61
C ARG A 104 -2.28 25.08 19.75
N PRO A 105 -2.48 23.80 20.19
CA PRO A 105 -3.22 22.85 19.33
C PRO A 105 -4.63 23.27 18.93
N GLN A 106 -5.32 24.02 19.79
CA GLN A 106 -6.65 24.54 19.50
C GLN A 106 -6.66 25.40 18.22
N ASN A 107 -5.58 26.15 17.98
CA ASN A 107 -5.47 27.01 16.78
C ASN A 107 -5.51 26.18 15.53
N LEU A 108 -4.86 25.00 15.57
CA LEU A 108 -4.83 24.14 14.39
C LEU A 108 -6.20 23.50 14.21
N LYS A 109 -6.83 23.03 15.31
CA LYS A 109 -8.18 22.47 15.24
C LYS A 109 -9.15 23.50 14.63
N ASP A 110 -9.14 24.73 15.15
CA ASP A 110 -10.03 25.81 14.69
C ASP A 110 -9.82 26.14 13.22
N ALA A 111 -8.54 26.19 12.75
CA ALA A 111 -8.22 26.46 11.35
C ALA A 111 -8.84 25.38 10.46
N ILE A 112 -8.59 24.09 10.77
CA ILE A 112 -9.15 22.97 9.99
C ILE A 112 -10.68 22.99 9.92
N LEU A 113 -11.34 23.34 11.03
CA LEU A 113 -12.79 23.36 11.09
C LEU A 113 -13.44 24.53 10.37
N LYS A 114 -12.70 25.61 10.08
CA LYS A 114 -13.22 26.80 9.36
C LYS A 114 -13.77 26.41 8.00
N TYR A 115 -13.17 25.42 7.34
CA TYR A 115 -13.65 24.97 6.04
C TYR A 115 -14.26 23.61 6.13
N ASN A 116 -14.53 23.14 7.36
CA ASN A 116 -15.17 21.86 7.65
C ASN A 116 -16.23 22.03 8.76
N VAL A 117 -17.03 23.10 8.65
CA VAL A 117 -18.06 23.51 9.63
C VAL A 117 -19.07 22.38 9.97
N ALA A 118 -19.48 21.57 8.98
CA ALA A 118 -20.44 20.46 9.17
C ALA A 118 -19.92 19.33 10.10
N TYR A 119 -18.60 19.29 10.33
CA TYR A 119 -17.96 18.26 11.18
C TYR A 119 -17.38 18.83 12.47
N SER A 120 -17.72 20.07 12.80
CA SER A 120 -17.18 20.71 14.01
C SER A 120 -17.63 20.01 15.31
N LYS A 121 -18.71 19.21 15.25
CA LYS A 121 -19.15 18.46 16.40
C LYS A 121 -18.88 16.97 16.22
N LYS A 122 -18.49 16.54 15.01
CA LYS A 122 -18.24 15.13 14.74
C LYS A 122 -16.76 14.75 14.82
N TRP A 123 -15.86 15.67 14.47
CA TRP A 123 -14.42 15.40 14.44
C TRP A 123 -13.77 15.66 15.78
N ASP A 124 -13.22 14.61 16.36
CA ASP A 124 -12.49 14.69 17.63
C ASP A 124 -11.03 14.98 17.32
N PHE A 125 -10.38 15.85 18.09
CA PHE A 125 -8.97 16.26 17.90
C PHE A 125 -8.09 15.92 19.12
N THR A 126 -8.62 15.09 20.04
CA THR A 126 -7.97 14.67 21.28
C THR A 126 -6.52 14.17 21.07
N ALA A 127 -6.29 13.30 20.08
CA ALA A 127 -4.93 12.78 19.84
C ALA A 127 -3.98 13.87 19.36
N LEU A 128 -4.48 14.83 18.61
CA LEU A 128 -3.62 15.90 18.12
C LEU A 128 -3.24 16.82 19.27
N ILE A 129 -4.24 17.17 20.10
CA ILE A 129 -4.06 18.02 21.28
C ILE A 129 -3.11 17.31 22.27
N ASP A 130 -3.33 16.03 22.54
CA ASP A 130 -2.46 15.27 23.45
C ASP A 130 -1.04 15.13 22.89
N PHE A 131 -0.89 14.91 21.59
CA PHE A 131 0.45 14.79 20.99
C PHE A 131 1.24 16.06 21.23
N TRP A 132 0.65 17.20 20.85
CA TRP A 132 1.28 18.52 20.98
C TRP A 132 1.53 18.92 22.43
N ASP A 133 0.52 18.78 23.30
CA ASP A 133 0.61 19.22 24.69
C ASP A 133 1.19 18.23 25.67
N LYS A 134 0.88 16.94 25.51
CA LYS A 134 1.19 15.91 26.52
C LYS A 134 2.25 14.86 26.13
N VAL A 135 2.69 14.88 24.88
CA VAL A 135 3.72 13.91 24.42
C VAL A 135 5.02 14.66 24.12
N LEU A 136 4.96 15.70 23.29
CA LEU A 136 6.16 16.46 22.92
C LEU A 136 6.75 17.28 24.03
N GLU A 137 8.09 17.37 24.04
CA GLU A 137 8.79 18.25 24.98
C GLU A 137 8.55 19.69 24.46
N GLU A 138 8.81 20.72 25.27
CA GLU A 138 8.61 22.12 24.85
C GLU A 138 9.27 22.46 23.49
N ALA A 139 10.58 22.15 23.33
CA ALA A 139 11.34 22.45 22.11
C ALA A 139 10.82 21.72 20.87
N GLU A 140 10.30 20.50 21.04
CA GLU A 140 9.74 19.74 19.92
C GLU A 140 8.41 20.37 19.47
N ALA A 141 7.57 20.78 20.44
CA ALA A 141 6.29 21.46 20.18
C ALA A 141 6.59 22.76 19.46
N GLN A 142 7.58 23.52 19.95
CA GLN A 142 8.00 24.80 19.33
C GLN A 142 8.45 24.59 17.89
N HIS A 143 9.26 23.56 17.63
CA HIS A 143 9.70 23.27 16.25
C HIS A 143 8.50 22.90 15.36
N LEU A 144 7.54 22.13 15.91
CA LEU A 144 6.33 21.75 15.18
C LEU A 144 5.52 22.99 14.76
N TYR A 145 5.23 23.91 15.68
CA TYR A 145 4.38 25.02 15.26
C TYR A 145 5.13 26.19 14.65
N GLN A 146 6.44 26.32 14.91
CA GLN A 146 7.18 27.44 14.33
C GLN A 146 7.77 27.10 12.99
N SER A 147 8.10 25.82 12.75
N SER A 147 8.10 25.82 12.75
CA SER A 147 8.73 25.41 11.50
CA SER A 147 8.70 25.41 11.48
C SER A 147 7.96 24.37 10.68
C SER A 147 7.91 24.39 10.68
N ILE A 148 7.64 23.19 11.25
CA ILE A 148 6.98 22.10 10.52
C ILE A 148 5.59 22.47 9.98
N LEU A 149 4.65 22.91 10.84
CA LEU A 149 3.28 23.25 10.42
C LEU A 149 3.22 24.40 9.41
N PRO A 150 3.92 25.56 9.62
CA PRO A 150 3.92 26.61 8.58
C PRO A 150 4.50 26.10 7.23
N ASP A 151 5.57 25.27 7.24
CA ASP A 151 6.15 24.71 6.00
C ASP A 151 5.16 23.76 5.30
N MET A 152 4.37 23.03 6.10
CA MET A 152 3.31 22.15 5.57
C MET A 152 2.20 22.99 4.96
N VAL A 153 1.78 24.09 5.62
CA VAL A 153 0.74 24.99 5.06
C VAL A 153 1.23 25.53 3.71
N LYS A 154 2.47 25.99 3.65
CA LYS A 154 3.00 26.59 2.39
C LYS A 154 3.04 25.59 1.23
N ILE A 155 3.42 24.35 1.50
CA ILE A 155 3.42 23.37 0.39
C ILE A 155 1.97 22.96 0.04
N ALA A 156 1.05 22.89 1.04
CA ALA A 156 -0.35 22.59 0.74
C ALA A 156 -0.95 23.70 -0.15
N LEU A 157 -0.68 24.97 0.20
CA LEU A 157 -1.23 26.11 -0.56
C LEU A 157 -0.57 26.32 -1.92
N CYS A 158 0.57 25.65 -2.18
CA CYS A 158 1.22 25.70 -3.50
C CYS A 158 0.57 24.73 -4.50
N LEU A 159 -0.40 23.91 -4.02
CA LEU A 159 -1.05 22.89 -4.84
C LEU A 159 -1.37 23.31 -6.28
N PRO A 160 -2.05 24.45 -6.58
CA PRO A 160 -2.31 24.76 -8.00
C PRO A 160 -1.08 24.99 -8.88
N ASN A 161 0.08 25.29 -8.27
CA ASN A 161 1.31 25.52 -9.05
C ASN A 161 2.12 24.23 -9.22
N ILE A 162 1.85 23.26 -8.37
CA ILE A 162 2.55 21.98 -8.31
C ILE A 162 1.78 20.89 -9.08
N CYS A 163 0.49 20.67 -8.73
CA CYS A 163 -0.37 19.67 -9.37
C CYS A 163 -1.24 20.38 -10.39
N THR A 164 -0.66 20.69 -11.53
CA THR A 164 -1.36 21.46 -12.56
C THR A 164 -2.27 20.62 -13.45
N GLN A 165 -2.05 19.31 -13.49
CA GLN A 165 -2.77 18.39 -14.36
C GLN A 165 -3.83 17.63 -13.61
N PRO A 166 -5.06 17.53 -14.17
CA PRO A 166 -6.11 16.73 -13.48
C PRO A 166 -5.66 15.30 -13.23
N ILE A 167 -5.98 14.76 -12.04
CA ILE A 167 -5.58 13.40 -11.68
C ILE A 167 -6.76 12.48 -11.93
N PRO A 168 -6.66 11.49 -12.82
CA PRO A 168 -7.81 10.61 -13.05
C PRO A 168 -7.96 9.63 -11.92
N LEU A 169 -9.19 9.23 -11.68
CA LEU A 169 -9.45 8.22 -10.67
C LEU A 169 -9.09 6.88 -11.27
N LEU A 170 -8.43 6.03 -10.52
CA LEU A 170 -8.15 4.66 -10.95
C LEU A 170 -9.36 3.88 -10.46
N ALA A 171 -10.41 3.91 -11.30
CA ALA A 171 -11.72 3.30 -11.05
C ALA A 171 -11.70 1.80 -11.28
N ALA A 172 -12.71 1.09 -10.74
CA ALA A 172 -12.86 -0.35 -10.92
C ALA A 172 -12.82 -0.71 -12.41
N ALA A 173 -12.09 -1.78 -12.72
CA ALA A 173 -11.88 -2.37 -14.05
C ALA A 173 -10.98 -1.53 -14.98
N MET A 174 -10.44 -0.39 -14.51
CA MET A 174 -9.53 0.38 -15.33
C MET A 174 -8.14 -0.23 -15.21
N ASN A 175 -7.41 -0.29 -16.34
CA ASN A 175 -6.01 -0.72 -16.37
C ASN A 175 -5.33 0.56 -16.73
N HIS A 176 -4.83 1.27 -15.72
CA HIS A 176 -4.28 2.61 -15.96
C HIS A 176 -3.19 2.91 -14.96
N SER A 177 -2.28 3.79 -15.34
CA SER A 177 -1.13 4.20 -14.57
C SER A 177 -1.07 5.69 -14.42
N ILE A 178 -0.62 6.17 -13.27
CA ILE A 178 -0.38 7.58 -13.00
C ILE A 178 1.09 7.70 -12.55
N THR A 179 1.87 8.54 -13.21
CA THR A 179 3.24 8.83 -12.80
C THR A 179 3.28 10.30 -12.46
N MET A 180 3.66 10.60 -11.22
CA MET A 180 3.73 11.95 -10.68
C MET A 180 5.00 12.12 -9.86
N SER A 181 5.36 13.36 -9.53
CA SER A 181 6.57 13.57 -8.76
C SER A 181 6.30 13.41 -7.27
N GLN A 182 7.38 13.10 -6.51
CA GLN A 182 7.32 13.00 -5.06
C GLN A 182 6.95 14.40 -4.51
N GLU A 183 7.41 15.49 -5.17
CA GLU A 183 7.07 16.86 -4.71
C GLU A 183 5.52 17.07 -4.84
N GLN A 184 4.92 16.60 -5.97
CA GLN A 184 3.47 16.67 -6.18
C GLN A 184 2.73 15.90 -5.08
N ILE A 185 3.25 14.71 -4.74
CA ILE A 185 2.68 13.87 -3.68
C ILE A 185 2.72 14.57 -2.33
N ALA A 186 3.86 15.23 -2.01
CA ALA A 186 4.02 15.97 -0.75
C ALA A 186 2.98 17.10 -0.65
N SER A 187 2.72 17.84 -1.75
CA SER A 187 1.71 18.91 -1.72
C SER A 187 0.33 18.32 -1.48
N LEU A 188 0.03 17.19 -2.13
CA LEU A 188 -1.25 16.52 -1.93
C LEU A 188 -1.39 15.96 -0.50
N LEU A 189 -0.34 15.36 0.07
CA LEU A 189 -0.43 14.80 1.43
C LEU A 189 -0.56 15.89 2.51
N ALA A 190 0.02 17.07 2.26
CA ALA A 190 -0.10 18.23 3.18
C ALA A 190 -1.55 18.70 3.16
N ASN A 191 -2.22 18.67 1.98
CA ASN A 191 -3.65 18.95 1.86
C ASN A 191 -4.49 17.90 2.62
N ALA A 192 -4.16 16.59 2.48
CA ALA A 192 -4.91 15.52 3.20
C ALA A 192 -4.74 15.71 4.73
N PHE A 193 -3.54 16.11 5.20
CA PHE A 193 -3.28 16.40 6.63
C PHE A 193 -4.21 17.52 7.10
N PHE A 194 -4.31 18.60 6.30
CA PHE A 194 -5.18 19.74 6.67
C PHE A 194 -6.66 19.48 6.30
N CYS A 195 -7.00 18.24 5.86
CA CYS A 195 -8.38 17.82 5.57
C CYS A 195 -9.07 18.73 4.56
N THR A 196 -8.37 19.05 3.44
CA THR A 196 -8.93 19.97 2.44
C THR A 196 -9.64 19.31 1.29
N PHE A 197 -9.51 17.98 1.10
CA PHE A 197 -10.17 17.38 -0.05
C PHE A 197 -11.69 17.39 0.06
N PRO A 198 -12.36 18.06 -0.91
CA PRO A 198 -13.84 18.13 -0.84
C PRO A 198 -14.53 16.84 -1.24
N ARG A 199 -15.72 16.60 -0.70
CA ARG A 199 -16.58 15.42 -1.00
C ARG A 199 -16.00 14.12 -0.49
N ARG A 200 -14.99 14.18 0.38
CA ARG A 200 -14.38 12.95 0.89
C ARG A 200 -14.68 12.70 2.37
N ASN A 201 -15.68 13.39 2.94
CA ASN A 201 -15.97 13.33 4.38
C ASN A 201 -17.27 12.71 4.84
N ALA A 202 -18.36 12.92 4.12
CA ALA A 202 -19.68 12.46 4.55
C ALA A 202 -19.79 10.95 4.67
N LYS A 203 -20.31 10.47 5.81
CA LYS A 203 -20.54 9.04 6.06
C LYS A 203 -21.59 8.48 5.07
N MET A 204 -22.54 9.33 4.63
CA MET A 204 -23.61 8.97 3.70
C MET A 204 -23.38 9.43 2.25
N LYS A 205 -22.10 9.71 1.90
CA LYS A 205 -21.71 10.10 0.53
C LYS A 205 -21.89 8.89 -0.42
N SER A 206 -22.17 9.17 -1.71
CA SER A 206 -22.35 8.12 -2.70
C SER A 206 -21.19 8.09 -3.65
N GLU A 207 -20.83 9.27 -4.18
CA GLU A 207 -19.79 9.51 -5.17
C GLU A 207 -18.46 8.82 -4.85
N TYR A 208 -17.99 8.98 -3.61
CA TYR A 208 -16.74 8.40 -3.16
C TYR A 208 -16.93 7.33 -2.08
N SER A 209 -18.14 6.71 -2.03
CA SER A 209 -18.42 5.67 -1.02
C SER A 209 -17.55 4.41 -1.21
N SER A 210 -17.08 4.19 -2.44
CA SER A 210 -16.24 3.03 -2.76
C SER A 210 -14.74 3.41 -2.85
N TYR A 211 -14.37 4.58 -2.26
CA TYR A 211 -13.00 5.07 -2.21
C TYR A 211 -12.52 5.12 -0.75
N PRO A 212 -11.23 4.90 -0.44
CA PRO A 212 -10.84 4.99 0.97
C PRO A 212 -10.84 6.44 1.47
N ASP A 213 -10.77 6.62 2.80
CA ASP A 213 -10.66 7.97 3.36
C ASP A 213 -9.29 8.52 2.94
N ILE A 214 -9.23 9.80 2.66
CA ILE A 214 -7.99 10.49 2.32
C ILE A 214 -7.68 11.57 3.35
N ASN A 215 -8.66 12.40 3.74
CA ASN A 215 -8.41 13.46 4.74
C ASN A 215 -7.99 12.79 6.06
N PHE A 216 -7.04 13.38 6.79
CA PHE A 216 -6.42 12.76 7.98
C PHE A 216 -7.15 12.97 9.32
N ASN A 217 -8.40 13.42 9.31
CA ASN A 217 -9.08 13.78 10.55
C ASN A 217 -9.15 12.64 11.58
N ARG A 218 -9.32 11.39 11.15
CA ARG A 218 -9.38 10.25 12.08
C ARG A 218 -8.06 9.98 12.82
N LEU A 219 -6.94 10.50 12.30
CA LEU A 219 -5.64 10.38 12.95
C LEU A 219 -5.56 11.26 14.18
N PHE A 220 -6.43 12.29 14.26
CA PHE A 220 -6.45 13.23 15.38
C PHE A 220 -7.38 12.82 16.48
N GLU A 221 -8.16 11.75 16.29
CA GLU A 221 -9.14 11.37 17.31
C GLU A 221 -8.66 10.35 18.35
N GLY A 222 -9.29 10.43 19.52
CA GLY A 222 -9.09 9.47 20.63
C GLY A 222 -7.80 9.52 21.40
N ARG A 223 -7.60 8.51 22.27
N ARG A 223 -7.59 8.51 22.28
CA ARG A 223 -6.45 8.42 23.18
CA ARG A 223 -6.44 8.44 23.18
C ARG A 223 -5.59 7.16 23.05
C ARG A 223 -5.62 7.16 23.06
N SER A 224 -5.59 6.53 21.88
CA SER A 224 -4.76 5.33 21.67
C SER A 224 -3.28 5.77 21.83
N SER A 225 -2.45 4.95 22.53
CA SER A 225 -1.03 5.25 22.72
C SER A 225 -0.30 5.11 21.39
N ARG A 226 -0.96 4.57 20.34
CA ARG A 226 -0.33 4.41 19.05
C ARG A 226 -0.43 5.68 18.18
N LYS A 227 -1.37 6.60 18.51
CA LYS A 227 -1.49 7.86 17.75
C LYS A 227 -0.25 8.70 17.82
N PRO A 228 0.44 8.91 18.96
CA PRO A 228 1.68 9.71 18.93
C PRO A 228 2.73 9.09 18.03
N GLU A 229 2.75 7.74 17.94
CA GLU A 229 3.71 7.03 17.07
C GLU A 229 3.41 7.28 15.61
N LYS A 230 2.11 7.25 15.22
CA LYS A 230 1.71 7.52 13.83
C LYS A 230 2.05 8.95 13.46
N LEU A 231 1.75 9.90 14.36
CA LEU A 231 2.04 11.32 14.17
C LEU A 231 3.53 11.61 14.08
N LYS A 232 4.37 10.94 14.90
CA LYS A 232 5.83 11.13 14.80
C LYS A 232 6.31 10.64 13.46
N THR A 233 5.76 9.50 13.01
CA THR A 233 6.17 8.94 11.72
C THR A 233 5.83 9.89 10.57
N LEU A 234 4.59 10.42 10.57
CA LEU A 234 4.16 11.34 9.51
C LEU A 234 4.85 12.68 9.55
N PHE A 235 5.02 13.29 10.75
CA PHE A 235 5.78 14.55 10.86
C PHE A 235 7.24 14.38 10.48
N 6WK A 236 7.81 13.15 10.63
CA 6WK A 236 9.20 12.89 10.20
CB 6WK A 236 9.69 11.52 10.66
SG 6WK A 236 11.30 11.06 9.96
C 6WK A 236 9.26 13.08 8.68
O 6WK A 236 10.09 13.84 8.17
S3 6WK A 236 8.86 13.35 14.25
C1 6WK A 236 9.59 14.97 13.87
C2 6WK A 236 10.56 15.09 12.71
O4 6WK A 236 11.12 16.41 12.67
C3 6WK A 236 11.68 14.04 12.73
O3 6WK A 236 12.75 14.46 13.58
C4 6WK A 236 12.22 13.69 11.35
SD 6WK A 236 12.67 11.95 11.20
N TYR A 237 8.29 12.50 7.97
CA TYR A 237 8.13 12.65 6.53
C TYR A 237 7.91 14.11 6.16
N PHE A 238 6.89 14.77 6.76
CA PHE A 238 6.62 16.16 6.39
C PHE A 238 7.80 17.08 6.63
N ARG A 239 8.53 16.87 7.73
CA ARG A 239 9.73 17.68 8.01
C ARG A 239 10.76 17.46 6.89
N ARG A 240 10.98 16.21 6.46
CA ARG A 240 11.95 15.91 5.41
C ARG A 240 11.56 16.55 4.07
N VAL A 241 10.32 16.40 3.64
CA VAL A 241 9.94 16.86 2.29
C VAL A 241 9.70 18.36 2.19
N THR A 242 9.47 19.07 3.31
CA THR A 242 9.34 20.54 3.26
C THR A 242 10.72 21.20 3.35
N ALA A 243 11.67 20.58 4.09
CA ALA A 243 13.05 21.08 4.24
C ALA A 243 13.83 20.96 2.91
N ALA A 244 13.69 19.83 2.20
CA ALA A 244 14.36 19.60 0.92
C ALA A 244 13.42 18.84 -0.02
N ALA A 245 12.98 19.52 -1.08
CA ALA A 245 12.07 18.95 -2.06
C ALA A 245 12.60 17.66 -2.66
N PRO A 246 11.85 16.55 -2.54
CA PRO A 246 12.31 15.29 -3.15
C PRO A 246 12.29 15.41 -4.68
N THR A 247 13.19 14.69 -5.36
CA THR A 247 13.37 14.87 -6.80
C THR A 247 12.86 13.71 -7.68
N GLY A 248 12.42 12.61 -7.09
CA GLY A 248 12.05 11.46 -7.90
C GLY A 248 10.61 11.42 -8.35
N LEU A 249 10.24 10.32 -9.03
CA LEU A 249 8.86 10.09 -9.49
C LEU A 249 8.35 8.84 -8.83
N VAL A 250 7.04 8.65 -8.89
CA VAL A 250 6.35 7.47 -8.35
C VAL A 250 5.26 7.11 -9.36
N THR A 251 5.10 5.81 -9.65
CA THR A 251 4.05 5.30 -10.54
C THR A 251 3.05 4.48 -9.73
N PHE A 252 1.78 4.70 -9.98
CA PHE A 252 0.63 4.00 -9.39
C PHE A 252 -0.11 3.35 -10.54
N THR A 253 -0.20 2.01 -10.52
CA THR A 253 -0.84 1.27 -11.61
C THR A 253 -1.93 0.41 -11.09
N ARG A 254 -3.14 0.62 -11.62
CA ARG A 254 -4.22 -0.28 -11.27
C ARG A 254 -4.18 -1.37 -12.34
N GLN A 255 -4.20 -2.65 -11.93
CA GLN A 255 -4.16 -3.80 -12.84
C GLN A 255 -5.38 -4.71 -12.58
N SER A 256 -6.12 -5.04 -13.64
CA SER A 256 -7.34 -5.86 -13.60
C SER A 256 -7.23 -6.92 -14.69
N LEU A 257 -7.18 -8.21 -14.30
CA LEU A 257 -7.09 -9.29 -15.28
C LEU A 257 -8.47 -9.84 -15.66
N GLU A 258 -8.62 -10.13 -16.95
CA GLU A 258 -9.84 -10.68 -17.53
C GLU A 258 -9.73 -12.21 -17.54
N ASP A 259 -8.56 -12.74 -17.95
CA ASP A 259 -8.32 -14.18 -18.08
C ASP A 259 -7.47 -14.80 -16.98
N PHE A 260 -8.09 -15.69 -16.20
CA PHE A 260 -7.41 -16.40 -15.13
C PHE A 260 -7.11 -17.84 -15.53
N PRO A 261 -6.01 -18.44 -15.01
CA PRO A 261 -5.72 -19.81 -15.41
C PRO A 261 -6.78 -20.80 -14.95
N GLU A 262 -6.89 -21.89 -15.71
CA GLU A 262 -7.74 -23.03 -15.36
C GLU A 262 -6.76 -23.83 -14.53
N TRP A 263 -6.70 -23.51 -13.22
CA TRP A 263 -5.72 -24.02 -12.26
C TRP A 263 -5.50 -25.52 -12.29
N GLU A 264 -6.59 -26.31 -12.33
CA GLU A 264 -6.54 -27.78 -12.37
C GLU A 264 -5.80 -28.35 -13.60
N ARG A 265 -5.67 -27.52 -14.67
CA ARG A 265 -5.03 -27.90 -15.92
C ARG A 265 -3.63 -27.29 -16.10
N CYS A 266 -3.16 -26.50 -15.12
CA CYS A 266 -1.87 -25.83 -15.22
C CYS A 266 -0.70 -26.79 -15.10
N GLU A 267 0.09 -26.87 -16.18
CA GLU A 267 1.22 -27.79 -16.26
C GLU A 267 2.56 -27.18 -15.86
N LYS A 268 2.55 -25.95 -15.33
CA LYS A 268 3.78 -25.29 -14.90
C LYS A 268 4.36 -25.94 -13.65
N PRO A 269 5.69 -26.11 -13.55
CA PRO A 269 6.23 -26.65 -12.30
C PRO A 269 6.34 -25.51 -11.26
N LEU A 270 6.64 -25.86 -10.01
CA LEU A 270 6.86 -24.88 -8.96
C LEU A 270 8.18 -24.17 -9.22
N THR A 271 8.30 -22.94 -8.74
CA THR A 271 9.54 -22.19 -8.92
C THR A 271 10.40 -22.35 -7.65
N ARG A 272 11.44 -21.53 -7.50
CA ARG A 272 12.35 -21.62 -6.35
C ARG A 272 11.80 -20.94 -5.11
N LEU A 273 12.26 -21.40 -3.92
CA LEU A 273 11.82 -20.86 -2.64
C LEU A 273 12.97 -20.59 -1.67
N HIS A 274 12.94 -19.41 -1.07
CA HIS A 274 13.80 -19.04 0.03
C HIS A 274 12.79 -18.74 1.15
N VAL A 275 12.84 -19.47 2.26
CA VAL A 275 11.91 -19.22 3.38
C VAL A 275 12.71 -18.99 4.65
N THR A 276 12.36 -17.96 5.41
CA THR A 276 13.10 -17.56 6.60
C THR A 276 12.21 -17.02 7.72
N TYR A 277 12.57 -17.30 8.99
CA TYR A 277 11.79 -16.76 10.10
C TYR A 277 12.33 -15.41 10.60
N GLU A 278 13.46 -14.94 10.01
CA GLU A 278 14.09 -13.65 10.37
C GLU A 278 14.04 -12.72 9.16
N GLY A 279 14.14 -11.42 9.42
CA GLY A 279 14.15 -10.43 8.36
C GLY A 279 12.78 -9.86 8.05
N THR A 280 12.77 -8.85 7.17
CA THR A 280 11.53 -8.17 6.79
C THR A 280 11.50 -8.01 5.28
N ILE A 281 10.31 -7.84 4.74
CA ILE A 281 10.10 -7.61 3.31
C ILE A 281 10.84 -6.34 2.85
N GLU A 282 10.76 -5.23 3.62
CA GLU A 282 11.37 -3.95 3.20
C GLU A 282 12.89 -3.94 3.26
N GLU A 283 13.51 -4.65 4.22
CA GLU A 283 14.99 -4.66 4.32
C GLU A 283 15.62 -5.81 3.53
N ASN A 284 15.06 -7.02 3.65
CA ASN A 284 15.65 -8.20 3.00
C ASN A 284 15.05 -8.51 1.63
N GLY A 285 14.01 -7.78 1.24
CA GLY A 285 13.36 -7.94 -0.04
C GLY A 285 13.66 -6.82 -1.01
N GLN A 286 14.83 -6.18 -0.87
CA GLN A 286 15.24 -5.06 -1.74
C GLN A 286 15.41 -5.53 -3.17
N GLY A 287 14.86 -4.78 -4.11
CA GLY A 287 14.92 -5.14 -5.52
C GLY A 287 13.94 -6.24 -5.92
N MET A 288 13.08 -6.67 -5.01
CA MET A 288 12.11 -7.74 -5.31
C MET A 288 10.73 -7.16 -5.28
N LEU A 289 9.74 -7.86 -5.88
CA LEU A 289 8.35 -7.41 -5.79
C LEU A 289 7.92 -7.61 -4.35
N GLN A 290 7.61 -6.52 -3.63
CA GLN A 290 7.24 -6.56 -2.22
C GLN A 290 5.74 -6.54 -2.02
N VAL A 291 5.22 -7.51 -1.28
CA VAL A 291 3.79 -7.61 -1.07
C VAL A 291 3.34 -6.79 0.11
N ASP A 292 2.26 -6.08 -0.10
CA ASP A 292 1.55 -5.30 0.91
C ASP A 292 0.29 -6.15 1.19
N PHE A 293 0.08 -6.60 2.46
CA PHE A 293 -1.08 -7.43 2.84
C PHE A 293 -2.26 -6.47 3.00
N ALA A 294 -2.82 -6.12 1.88
CA ALA A 294 -3.76 -5.02 1.82
C ALA A 294 -5.19 -5.28 2.25
N ASN A 295 -5.90 -4.17 2.58
N ASN A 295 -5.89 -4.18 2.53
CA ASN A 295 -7.36 -4.18 2.76
CA ASN A 295 -7.32 -4.14 2.79
C ASN A 295 -7.86 -3.84 1.35
C ASN A 295 -7.89 -3.71 1.43
N ARG A 296 -9.09 -4.23 1.02
CA ARG A 296 -9.69 -3.88 -0.30
C ARG A 296 -9.73 -2.32 -0.56
N PHE A 297 -9.88 -1.55 0.53
CA PHE A 297 -9.73 -0.08 0.51
C PHE A 297 -8.21 0.06 0.86
N VAL A 298 -7.37 0.36 -0.15
CA VAL A 298 -5.88 0.37 0.01
C VAL A 298 -5.43 1.23 1.15
N GLY A 299 -4.49 0.72 1.94
CA GLY A 299 -3.97 1.44 3.09
C GLY A 299 -4.70 1.14 4.39
N GLY A 300 -5.83 0.47 4.31
CA GLY A 300 -6.62 0.07 5.48
C GLY A 300 -6.91 1.19 6.44
N GLY A 301 -6.51 1.01 7.70
CA GLY A 301 -6.73 2.02 8.72
C GLY A 301 -5.56 2.96 8.89
N VAL A 302 -4.74 3.21 7.84
CA VAL A 302 -3.57 4.09 8.00
C VAL A 302 -3.94 5.48 8.54
N THR A 303 -4.99 6.12 7.99
CA THR A 303 -5.41 7.47 8.40
C THR A 303 -6.33 7.41 9.66
N SER A 304 -6.44 6.24 10.29
CA SER A 304 -7.29 6.10 11.47
C SER A 304 -6.64 5.25 12.58
N ALA A 305 -7.16 4.06 12.88
CA ALA A 305 -6.65 3.24 13.99
C ALA A 305 -5.66 2.09 13.64
N GLY A 306 -5.73 1.53 12.42
CA GLY A 306 -4.89 0.39 12.03
C GLY A 306 -3.40 0.56 12.18
N LEU A 307 -2.70 -0.50 12.63
CA LEU A 307 -1.26 -0.45 12.77
C LEU A 307 -0.62 -1.84 12.54
N VAL A 308 -1.13 -2.56 11.53
CA VAL A 308 -0.55 -3.87 11.22
C VAL A 308 0.30 -3.72 9.95
N GLN A 309 0.65 -4.81 9.24
CA GLN A 309 1.60 -4.78 8.12
C GLN A 309 1.37 -3.65 7.09
N GLU A 310 0.16 -3.52 6.55
CA GLU A 310 -0.11 -2.52 5.54
C GLU A 310 0.05 -1.08 6.05
N GLU A 311 -0.53 -0.80 7.24
CA GLU A 311 -0.51 0.54 7.81
C GLU A 311 0.90 0.95 8.11
N ILE A 312 1.71 0.03 8.68
CA ILE A 312 3.12 0.34 8.95
C ILE A 312 3.86 0.71 7.65
N ARG A 313 3.68 -0.07 6.59
CA ARG A 313 4.36 0.28 5.33
C ARG A 313 3.91 1.64 4.84
N PHE A 314 2.61 1.95 4.96
CA PHE A 314 2.08 3.25 4.52
C PHE A 314 2.61 4.41 5.36
N LEU A 315 2.96 4.16 6.61
CA LEU A 315 3.50 5.22 7.47
C LEU A 315 4.99 5.45 7.18
N ILE A 316 5.78 4.39 6.95
CA ILE A 316 7.23 4.54 6.73
C ILE A 316 7.54 4.96 5.30
N ASN A 317 6.61 4.67 4.34
CA ASN A 317 6.67 5.10 2.95
C ASN A 317 5.40 5.91 2.70
N PRO A 318 5.28 7.16 3.24
CA PRO A 318 4.01 7.90 3.15
C PRO A 318 3.49 8.22 1.76
N GLU A 319 4.33 8.17 0.73
CA GLU A 319 3.89 8.38 -0.64
C GLU A 319 2.84 7.35 -1.06
N LEU A 320 2.84 6.15 -0.43
CA LEU A 320 1.82 5.12 -0.66
C LEU A 320 0.44 5.66 -0.25
N ILE A 321 0.38 6.49 0.82
CA ILE A 321 -0.89 7.04 1.32
C ILE A 321 -1.71 7.70 0.22
N ILE A 322 -1.05 8.42 -0.71
CA ILE A 322 -1.78 9.17 -1.74
C ILE A 322 -2.56 8.23 -2.68
N SER A 323 -2.22 6.93 -2.73
CA SER A 323 -3.02 6.02 -3.52
C SER A 323 -4.52 6.11 -3.09
N ARG A 324 -4.78 6.46 -1.82
CA ARG A 324 -6.14 6.57 -1.27
C ARG A 324 -6.95 7.70 -1.88
N LEU A 325 -6.26 8.67 -2.48
CA LEU A 325 -6.95 9.78 -3.12
C LEU A 325 -7.66 9.32 -4.40
N PHE A 326 -7.00 8.43 -5.15
CA PHE A 326 -7.56 8.08 -6.46
C PHE A 326 -7.81 6.59 -6.71
N THR A 327 -7.59 5.70 -5.72
CA THR A 327 -7.75 4.27 -5.94
C THR A 327 -9.07 3.75 -5.39
N GLU A 328 -9.98 3.40 -6.27
CA GLU A 328 -11.28 2.83 -5.89
C GLU A 328 -11.03 1.45 -5.22
N VAL A 329 -11.95 1.03 -4.35
CA VAL A 329 -11.89 -0.26 -3.69
C VAL A 329 -11.56 -1.35 -4.72
N LEU A 330 -10.65 -2.26 -4.35
CA LEU A 330 -10.25 -3.32 -5.28
C LEU A 330 -11.30 -4.41 -5.42
N ASP A 331 -11.57 -4.82 -6.66
CA ASP A 331 -12.45 -5.97 -6.88
C ASP A 331 -11.56 -7.23 -6.85
N HIS A 332 -12.16 -8.43 -6.82
CA HIS A 332 -11.45 -9.72 -6.72
C HIS A 332 -10.36 -9.93 -7.76
N ASN A 333 -10.53 -9.38 -8.98
CA ASN A 333 -9.55 -9.58 -10.06
C ASN A 333 -8.56 -8.43 -10.21
N GLU A 334 -8.45 -7.56 -9.19
CA GLU A 334 -7.60 -6.37 -9.26
C GLU A 334 -6.51 -6.25 -8.21
N CYS A 335 -5.48 -5.45 -8.53
CA CYS A 335 -4.42 -5.12 -7.61
C CYS A 335 -3.94 -3.70 -7.94
N LEU A 336 -3.13 -3.14 -7.03
CA LEU A 336 -2.46 -1.86 -7.21
C LEU A 336 -0.94 -2.05 -7.09
N ILE A 337 -0.19 -1.60 -8.09
CA ILE A 337 1.26 -1.74 -8.10
C ILE A 337 1.83 -0.34 -7.97
N ILE A 338 2.68 -0.13 -6.96
CA ILE A 338 3.31 1.18 -6.71
C ILE A 338 4.80 1.06 -6.81
N THR A 339 5.38 1.84 -7.72
CA THR A 339 6.80 1.88 -7.97
C THR A 339 7.39 3.24 -7.65
N GLY A 340 8.44 3.25 -6.84
CA GLY A 340 9.18 4.47 -6.55
C GLY A 340 9.02 5.10 -5.19
N THR A 341 8.13 4.56 -4.34
CA THR A 341 7.96 5.17 -2.99
C THR A 341 9.26 5.06 -2.19
N GLU A 342 9.56 6.08 -1.40
CA GLU A 342 10.79 6.18 -0.64
C GLU A 342 10.54 5.90 0.86
N GLN A 343 11.51 5.31 1.56
CA GLN A 343 11.33 5.05 3.00
C GLN A 343 11.91 6.24 3.76
N TYR A 344 11.10 6.91 4.58
CA TYR A 344 11.53 8.09 5.33
C TYR A 344 11.77 7.80 6.82
N SER A 345 11.18 6.71 7.34
CA SER A 345 11.31 6.36 8.75
C SER A 345 11.75 4.92 9.00
N GLU A 346 12.31 4.72 10.18
CA GLU A 346 12.61 3.40 10.72
C GLU A 346 11.66 3.25 11.90
N TYR A 347 11.32 2.02 12.26
CA TYR A 347 10.40 1.74 13.35
C TYR A 347 10.84 0.49 14.12
N THR A 348 10.18 0.22 15.26
CA THR A 348 10.34 -1.05 15.97
C THR A 348 8.94 -1.50 16.32
N GLY A 349 8.76 -2.77 16.63
CA GLY A 349 7.47 -3.29 17.06
C GLY A 349 6.46 -3.44 15.95
N TYR A 350 5.22 -3.65 16.33
CA TYR A 350 4.14 -3.99 15.43
C TYR A 350 2.88 -3.84 16.24
N ALA A 351 1.79 -3.42 15.59
CA ALA A 351 0.49 -3.21 16.22
C ALA A 351 0.61 -2.39 17.50
N GLU A 352 0.19 -2.93 18.67
CA GLU A 352 0.23 -2.17 19.93
C GLU A 352 1.67 -1.86 20.43
N THR A 353 2.72 -2.51 19.87
CA THR A 353 4.13 -2.20 20.27
C THR A 353 4.83 -1.33 19.25
N TYR A 354 4.16 -0.95 18.16
CA TYR A 354 4.80 -0.11 17.14
C TYR A 354 5.35 1.17 17.71
N ARG A 355 6.60 1.53 17.38
CA ARG A 355 7.16 2.82 17.76
C ARG A 355 7.96 3.36 16.58
N TRP A 356 7.92 4.69 16.38
CA TRP A 356 8.79 5.36 15.41
C TRP A 356 10.17 5.34 16.06
N SER A 357 11.24 4.99 15.31
CA SER A 357 12.59 4.93 15.87
C SER A 357 13.39 6.15 15.53
N ARG A 358 13.48 6.48 14.22
CA ARG A 358 14.36 7.55 13.75
C ARG A 358 14.07 7.77 12.28
N SER A 359 14.68 8.81 11.72
CA SER A 359 14.57 9.14 10.30
C SER A 359 15.43 8.12 9.52
N HIS A 360 15.00 7.75 8.31
CA HIS A 360 15.72 6.80 7.44
C HIS A 360 16.17 7.52 6.16
N GLU A 361 17.45 7.38 5.78
CA GLU A 361 17.96 7.94 4.51
C GLU A 361 17.93 6.80 3.52
N ASP A 362 16.96 6.81 2.60
CA ASP A 362 16.77 5.73 1.64
C ASP A 362 17.96 5.68 0.66
N GLY A 363 18.61 4.55 0.60
CA GLY A 363 19.77 4.33 -0.25
C GLY A 363 19.46 3.60 -1.54
N SER A 364 18.14 3.36 -1.84
CA SER A 364 17.74 2.69 -3.08
C SER A 364 18.16 3.55 -4.26
N GLU A 365 18.59 2.90 -5.33
CA GLU A 365 18.97 3.55 -6.58
C GLU A 365 17.67 3.95 -7.32
N ARG A 366 17.78 4.85 -8.31
CA ARG A 366 16.61 5.22 -9.09
C ARG A 366 16.72 4.61 -10.50
N ASP A 367 15.60 4.19 -11.08
CA ASP A 367 15.57 3.65 -12.44
C ASP A 367 15.66 4.81 -13.45
N ASP A 368 15.47 4.54 -14.75
CA ASP A 368 15.52 5.57 -15.81
C ASP A 368 14.37 6.59 -15.76
N TRP A 369 13.32 6.37 -14.93
CA TRP A 369 12.23 7.35 -14.79
C TRP A 369 12.38 8.11 -13.48
N GLN A 370 13.57 8.06 -12.86
CA GLN A 370 13.85 8.69 -11.57
C GLN A 370 12.95 8.16 -10.45
N ARG A 371 12.58 6.87 -10.53
CA ARG A 371 11.78 6.24 -9.48
C ARG A 371 12.69 5.37 -8.65
N ARG A 372 12.59 5.47 -7.32
CA ARG A 372 13.33 4.56 -6.43
C ARG A 372 13.04 3.13 -6.90
N CYS A 373 14.07 2.24 -6.86
CA CYS A 373 13.89 0.85 -7.29
C CYS A 373 13.27 0.01 -6.15
N THR A 374 11.99 0.29 -5.88
CA THR A 374 11.14 -0.34 -4.86
C THR A 374 9.76 -0.50 -5.49
N GLU A 375 9.34 -1.75 -5.71
CA GLU A 375 8.04 -2.07 -6.28
C GLU A 375 7.24 -2.81 -5.22
N ILE A 376 6.07 -2.27 -4.92
CA ILE A 376 5.16 -2.79 -3.91
C ILE A 376 3.84 -3.11 -4.58
N VAL A 377 3.28 -4.31 -4.28
CA VAL A 377 1.97 -4.65 -4.82
C VAL A 377 0.96 -4.85 -3.65
N ALA A 378 -0.17 -4.18 -3.72
CA ALA A 378 -1.24 -4.31 -2.75
C ALA A 378 -2.20 -5.40 -3.24
N ILE A 379 -2.31 -6.51 -2.49
CA ILE A 379 -3.24 -7.63 -2.77
C ILE A 379 -4.01 -7.92 -1.48
N ASP A 380 -5.35 -7.84 -1.55
CA ASP A 380 -6.15 -8.00 -0.35
C ASP A 380 -6.62 -9.42 -0.21
N ALA A 381 -6.31 -10.06 0.92
CA ALA A 381 -6.78 -11.41 1.24
C ALA A 381 -8.24 -11.30 1.68
N LEU A 382 -8.99 -12.40 1.63
CA LEU A 382 -10.36 -12.48 2.11
C LEU A 382 -10.38 -12.59 3.63
N HIS A 383 -11.47 -12.13 4.23
CA HIS A 383 -11.72 -12.22 5.65
C HIS A 383 -12.65 -13.43 5.80
N PHE A 384 -12.21 -14.42 6.59
CA PHE A 384 -12.98 -15.64 6.80
C PHE A 384 -13.68 -15.64 8.16
N ARG A 385 -15.03 -15.56 8.12
CA ARG A 385 -15.95 -15.57 9.28
C ARG A 385 -15.82 -16.88 10.07
N ARG A 386 -15.52 -17.99 9.37
CA ARG A 386 -15.31 -19.33 9.89
C ARG A 386 -14.02 -19.87 9.27
N TYR A 387 -13.21 -20.60 10.04
CA TYR A 387 -11.95 -21.17 9.58
C TYR A 387 -12.10 -22.00 8.29
N LEU A 388 -13.04 -22.95 8.28
CA LEU A 388 -13.31 -23.88 7.19
C LEU A 388 -13.75 -23.24 5.86
N ASP A 389 -14.24 -21.99 5.88
CA ASP A 389 -14.68 -21.27 4.68
C ASP A 389 -13.60 -21.14 3.61
N GLN A 390 -12.34 -20.98 4.03
CA GLN A 390 -11.21 -20.74 3.12
C GLN A 390 -10.86 -21.93 2.23
N PHE A 391 -11.30 -23.15 2.63
CA PHE A 391 -11.03 -24.38 1.89
C PHE A 391 -12.06 -24.63 0.79
N VAL A 392 -13.12 -23.84 0.74
CA VAL A 392 -14.15 -23.91 -0.30
C VAL A 392 -13.45 -23.60 -1.63
N PRO A 393 -13.57 -24.46 -2.67
CA PRO A 393 -12.84 -24.23 -3.94
C PRO A 393 -12.95 -22.82 -4.51
N GLU A 394 -14.16 -22.24 -4.50
CA GLU A 394 -14.39 -20.87 -5.00
C GLU A 394 -13.50 -19.86 -4.23
N LYS A 395 -13.37 -20.05 -2.89
CA LYS A 395 -12.56 -19.16 -2.03
C LYS A 395 -11.07 -19.38 -2.30
N MET A 396 -10.66 -20.62 -2.57
CA MET A 396 -9.25 -20.95 -2.90
C MET A 396 -8.88 -20.39 -4.24
N ARG A 397 -9.74 -20.56 -5.26
CA ARG A 397 -9.53 -20.01 -6.61
C ARG A 397 -9.47 -18.49 -6.55
N ARG A 398 -10.30 -17.86 -5.68
CA ARG A 398 -10.29 -16.41 -5.49
C ARG A 398 -8.89 -15.94 -5.02
N GLU A 399 -8.34 -16.58 -3.97
CA GLU A 399 -7.03 -16.20 -3.43
C GLU A 399 -5.91 -16.42 -4.44
N LEU A 400 -5.98 -17.53 -5.20
CA LEU A 400 -4.98 -17.82 -6.23
C LEU A 400 -5.00 -16.71 -7.30
N ASN A 401 -6.21 -16.34 -7.77
CA ASN A 401 -6.39 -15.33 -8.82
C ASN A 401 -5.97 -13.96 -8.35
N LYS A 402 -6.21 -13.64 -7.07
CA LYS A 402 -5.79 -12.34 -6.49
C LYS A 402 -4.25 -12.26 -6.47
N ALA A 403 -3.58 -13.27 -5.87
CA ALA A 403 -2.10 -13.29 -5.84
C ALA A 403 -1.52 -13.30 -7.27
N TYR A 404 -2.14 -14.06 -8.17
CA TYR A 404 -1.68 -14.18 -9.57
C TYR A 404 -1.73 -12.83 -10.26
N CYS A 405 -2.83 -12.09 -10.08
CA CYS A 405 -2.97 -10.75 -10.63
C CYS A 405 -1.86 -9.81 -10.10
N GLY A 406 -1.58 -9.89 -8.81
CA GLY A 406 -0.50 -9.09 -8.21
C GLY A 406 0.89 -9.44 -8.71
N PHE A 407 1.10 -10.70 -9.10
CA PHE A 407 2.41 -11.21 -9.54
C PHE A 407 2.66 -11.12 -11.04
N LEU A 408 1.61 -11.28 -11.85
CA LEU A 408 1.73 -11.25 -13.30
C LEU A 408 2.05 -9.86 -13.83
N ARG A 409 2.99 -9.82 -14.77
CA ARG A 409 3.36 -8.59 -15.50
C ARG A 409 3.19 -8.93 -16.99
N PRO A 410 1.98 -8.70 -17.57
CA PRO A 410 1.75 -9.09 -18.96
C PRO A 410 2.68 -8.36 -19.95
N GLY A 411 3.30 -9.14 -20.82
CA GLY A 411 4.25 -8.65 -21.81
C GLY A 411 5.71 -8.92 -21.43
N VAL A 412 6.01 -8.90 -20.11
CA VAL A 412 7.37 -9.11 -19.57
C VAL A 412 7.78 -10.60 -19.59
N SER A 413 9.04 -10.89 -19.96
CA SER A 413 9.58 -12.26 -19.98
C SER A 413 10.04 -12.64 -18.58
N SER A 414 9.93 -13.94 -18.23
CA SER A 414 10.30 -14.54 -16.95
C SER A 414 11.72 -14.21 -16.45
N GLU A 415 12.69 -14.10 -17.35
CA GLU A 415 14.09 -13.77 -17.02
C GLU A 415 14.21 -12.35 -16.50
N ASN A 416 13.23 -11.49 -16.85
CA ASN A 416 13.21 -10.09 -16.41
C ASN A 416 12.31 -9.88 -15.18
N LEU A 417 11.84 -10.96 -14.54
CA LEU A 417 10.97 -10.82 -13.36
C LEU A 417 11.71 -11.13 -12.08
N SER A 418 11.71 -10.18 -11.14
CA SER A 418 12.33 -10.36 -9.83
C SER A 418 11.54 -11.42 -9.02
N ALA A 419 12.13 -11.94 -7.95
CA ALA A 419 11.43 -12.84 -7.03
C ALA A 419 10.33 -12.03 -6.31
N VAL A 420 9.32 -12.71 -5.74
CA VAL A 420 8.26 -12.08 -4.93
C VAL A 420 8.72 -12.19 -3.45
N ALA A 421 8.72 -11.08 -2.73
CA ALA A 421 9.07 -11.02 -1.32
C ALA A 421 7.73 -10.92 -0.58
N THR A 422 7.36 -12.00 0.09
CA THR A 422 6.06 -12.05 0.76
C THR A 422 6.20 -12.73 2.11
N GLY A 423 5.07 -13.01 2.72
CA GLY A 423 5.00 -13.71 3.99
C GLY A 423 3.60 -14.14 4.28
N ASN A 424 3.26 -14.36 5.58
N ASN A 424 3.28 -14.23 5.58
CA ASN A 424 1.92 -14.82 6.01
CA ASN A 424 1.97 -14.61 6.07
C ASN A 424 0.77 -13.81 5.75
C ASN A 424 0.91 -13.57 5.68
N TRP A 425 0.28 -13.78 4.51
CA TRP A 425 -0.77 -12.93 3.95
C TRP A 425 -2.16 -13.31 4.46
N GLY A 426 -2.90 -12.33 4.99
CA GLY A 426 -4.26 -12.52 5.51
C GLY A 426 -4.42 -13.39 6.75
N CYS A 427 -3.37 -13.46 7.57
N CYS A 427 -3.35 -13.49 7.56
CA CYS A 427 -3.28 -14.23 8.82
CA CYS A 427 -3.36 -14.28 8.79
C CYS A 427 -4.05 -13.56 9.96
C CYS A 427 -3.93 -13.53 10.01
N GLY A 428 -4.09 -14.26 11.12
CA GLY A 428 -4.66 -13.77 12.37
C GLY A 428 -6.11 -13.33 12.33
N ALA A 429 -6.32 -11.99 12.41
CA ALA A 429 -7.63 -11.34 12.44
C ALA A 429 -8.52 -11.65 11.23
N PHE A 430 -7.91 -11.86 10.06
CA PHE A 430 -8.64 -12.20 8.84
C PHE A 430 -8.95 -13.71 8.76
N GLY A 431 -8.42 -14.49 9.70
CA GLY A 431 -8.69 -15.92 9.84
C GLY A 431 -8.05 -16.85 8.83
N GLY A 432 -7.04 -16.38 8.10
CA GLY A 432 -6.32 -17.20 7.13
C GLY A 432 -5.41 -18.25 7.75
N ASP A 433 -5.42 -19.46 7.17
CA ASP A 433 -4.53 -20.55 7.60
C ASP A 433 -3.19 -20.29 6.90
N ALA A 434 -2.10 -20.10 7.69
CA ALA A 434 -0.76 -19.78 7.14
C ALA A 434 -0.22 -20.83 6.17
N ARG A 435 -0.43 -22.13 6.43
CA ARG A 435 0.07 -23.21 5.59
C ARG A 435 -0.65 -23.27 4.24
N LEU A 436 -1.96 -22.99 4.23
CA LEU A 436 -2.69 -22.94 2.97
C LEU A 436 -2.29 -21.68 2.16
N LYS A 437 -2.19 -20.53 2.84
CA LYS A 437 -1.88 -19.28 2.15
C LYS A 437 -0.49 -19.32 1.58
N ALA A 438 0.44 -20.00 2.27
CA ALA A 438 1.78 -20.14 1.71
C ALA A 438 1.73 -20.95 0.39
N LEU A 439 0.96 -22.05 0.36
CA LEU A 439 0.87 -22.87 -0.85
C LEU A 439 0.20 -22.09 -1.99
N ILE A 440 -0.89 -21.36 -1.69
CA ILE A 440 -1.58 -20.49 -2.66
C ILE A 440 -0.60 -19.51 -3.30
N GLN A 441 0.19 -18.79 -2.50
CA GLN A 441 1.17 -17.83 -3.03
C GLN A 441 2.26 -18.50 -3.86
N ILE A 442 2.68 -19.69 -3.46
CA ILE A 442 3.69 -20.49 -4.17
C ILE A 442 3.12 -20.91 -5.54
N LEU A 443 1.84 -21.33 -5.58
CA LEU A 443 1.21 -21.72 -6.84
C LEU A 443 1.01 -20.53 -7.77
N ALA A 444 0.64 -19.35 -7.22
CA ALA A 444 0.39 -18.16 -8.03
C ALA A 444 1.69 -17.63 -8.63
N ALA A 445 2.76 -17.65 -7.83
CA ALA A 445 4.09 -17.21 -8.24
C ALA A 445 4.63 -18.15 -9.30
N ALA A 446 4.35 -19.47 -9.17
CA ALA A 446 4.73 -20.45 -10.18
C ALA A 446 4.02 -20.15 -11.51
N ALA A 447 2.70 -19.88 -11.50
CA ALA A 447 1.93 -19.56 -12.73
C ALA A 447 2.42 -18.26 -13.36
N ALA A 448 2.83 -17.28 -12.54
CA ALA A 448 3.37 -16.00 -13.01
C ALA A 448 4.87 -16.13 -13.33
N GLU A 449 5.46 -17.35 -13.16
CA GLU A 449 6.88 -17.66 -13.44
C GLU A 449 7.88 -16.81 -12.60
N ARG A 450 7.61 -16.66 -11.30
CA ARG A 450 8.52 -15.93 -10.41
C ARG A 450 8.90 -16.82 -9.26
N ASP A 451 10.11 -16.63 -8.70
CA ASP A 451 10.58 -17.32 -7.49
C ASP A 451 9.97 -16.61 -6.29
N VAL A 452 9.99 -17.25 -5.11
CA VAL A 452 9.37 -16.77 -3.86
C VAL A 452 10.40 -16.65 -2.74
N VAL A 453 10.37 -15.53 -2.04
CA VAL A 453 11.15 -15.26 -0.84
C VAL A 453 10.05 -15.06 0.22
N TYR A 454 9.96 -16.01 1.17
CA TYR A 454 8.86 -16.02 2.13
C TYR A 454 9.34 -15.76 3.55
N PHE A 455 8.77 -14.74 4.19
CA PHE A 455 9.14 -14.36 5.55
C PHE A 455 8.09 -14.87 6.52
N THR A 456 8.50 -15.61 7.55
CA THR A 456 7.52 -16.14 8.51
C THR A 456 7.47 -15.33 9.81
N PHE A 457 8.21 -14.22 9.90
CA PHE A 457 8.12 -13.28 11.03
C PHE A 457 8.21 -13.93 12.44
N GLY A 458 9.28 -14.71 12.65
CA GLY A 458 9.57 -15.34 13.93
C GLY A 458 9.05 -16.75 14.08
N ASP A 459 8.17 -17.20 13.18
CA ASP A 459 7.62 -18.56 13.28
C ASP A 459 8.56 -19.56 12.61
N SER A 460 9.52 -20.11 13.38
CA SER A 460 10.48 -21.10 12.86
C SER A 460 9.84 -22.43 12.44
N GLU A 461 8.77 -22.88 13.14
CA GLU A 461 8.10 -24.15 12.79
C GLU A 461 7.38 -24.00 11.41
N LEU A 462 6.77 -22.84 11.16
CA LEU A 462 6.12 -22.57 9.88
C LEU A 462 7.14 -22.55 8.74
N MET A 463 8.31 -21.93 8.98
CA MET A 463 9.42 -21.92 8.00
C MET A 463 9.81 -23.37 7.57
N ARG A 464 9.99 -24.27 8.55
N ARG A 464 9.97 -24.26 8.56
CA ARG A 464 10.34 -25.68 8.30
CA ARG A 464 10.33 -25.67 8.36
C ARG A 464 9.24 -26.39 7.52
C ARG A 464 9.25 -26.43 7.57
N ASP A 465 7.97 -26.22 7.94
CA ASP A 465 6.79 -26.82 7.28
C ASP A 465 6.65 -26.41 5.82
N ILE A 466 6.80 -25.11 5.53
CA ILE A 466 6.71 -24.58 4.15
C ILE A 466 7.85 -25.16 3.32
N TYR A 467 9.08 -25.11 3.86
CA TYR A 467 10.25 -25.68 3.17
C TYR A 467 10.08 -27.15 2.84
N SER A 468 9.65 -27.97 3.83
CA SER A 468 9.47 -29.41 3.66
C SER A 468 8.38 -29.70 2.65
N MET A 469 7.29 -28.93 2.66
CA MET A 469 6.21 -29.16 1.68
C MET A 469 6.72 -28.79 0.26
N HIS A 470 7.38 -27.62 0.12
CA HIS A 470 7.92 -27.19 -1.18
C HIS A 470 8.91 -28.20 -1.74
N ILE A 471 9.89 -28.65 -0.91
CA ILE A 471 10.90 -29.60 -1.37
C ILE A 471 10.24 -30.96 -1.73
N PHE A 472 9.20 -31.39 -1.00
CA PHE A 472 8.46 -32.64 -1.25
C PHE A 472 7.75 -32.58 -2.62
N LEU A 473 7.04 -31.48 -2.91
CA LEU A 473 6.32 -31.35 -4.18
C LEU A 473 7.26 -31.19 -5.39
N THR A 474 8.38 -30.44 -5.23
CA THR A 474 9.33 -30.19 -6.33
C THR A 474 10.11 -31.45 -6.70
N GLU A 475 10.60 -32.20 -5.69
CA GLU A 475 11.34 -33.45 -5.89
C GLU A 475 10.46 -34.47 -6.61
N ARG A 476 9.14 -34.43 -6.35
CA ARG A 476 8.17 -35.33 -6.98
C ARG A 476 7.62 -34.76 -8.31
N LYS A 477 8.13 -33.59 -8.77
CA LYS A 477 7.78 -32.95 -10.06
C LYS A 477 6.28 -32.63 -10.21
N LEU A 478 5.59 -32.37 -9.09
CA LEU A 478 4.19 -32.02 -9.11
C LEU A 478 3.97 -30.64 -9.71
N THR A 479 3.04 -30.53 -10.68
CA THR A 479 2.73 -29.25 -11.32
C THR A 479 1.78 -28.43 -10.44
N VAL A 480 1.52 -27.17 -10.84
CA VAL A 480 0.56 -26.25 -10.21
C VAL A 480 -0.80 -26.97 -10.20
N GLY A 481 -1.17 -27.58 -11.34
CA GLY A 481 -2.41 -28.33 -11.51
C GLY A 481 -2.56 -29.48 -10.55
N ASP A 482 -1.49 -30.31 -10.43
CA ASP A 482 -1.40 -31.45 -9.51
C ASP A 482 -1.64 -31.00 -8.07
N VAL A 483 -0.96 -29.92 -7.63
CA VAL A 483 -1.11 -29.36 -6.29
C VAL A 483 -2.52 -28.81 -6.11
N TYR A 484 -3.05 -28.04 -7.07
CA TYR A 484 -4.42 -27.53 -6.97
C TYR A 484 -5.46 -28.64 -6.77
N LYS A 485 -5.31 -29.77 -7.49
CA LYS A 485 -6.21 -30.92 -7.37
C LYS A 485 -6.16 -31.53 -5.95
N LEU A 486 -4.97 -31.50 -5.32
CA LEU A 486 -4.81 -31.99 -3.95
C LEU A 486 -5.59 -31.09 -2.98
N LEU A 487 -5.62 -29.78 -3.25
CA LEU A 487 -6.38 -28.84 -2.43
C LEU A 487 -7.87 -29.12 -2.54
N LEU A 488 -8.35 -29.44 -3.77
CA LEU A 488 -9.75 -29.81 -4.06
C LEU A 488 -10.12 -31.12 -3.36
N ARG A 489 -9.18 -32.09 -3.30
CA ARG A 489 -9.41 -33.36 -2.61
C ARG A 489 -9.54 -33.15 -1.09
N TYR A 490 -8.70 -32.25 -0.50
CA TYR A 490 -8.73 -31.95 0.94
C TYR A 490 -10.10 -31.39 1.32
N TYR A 491 -10.61 -30.39 0.55
CA TYR A 491 -11.95 -29.84 0.79
C TYR A 491 -13.01 -30.96 0.76
N ASN A 492 -12.97 -31.78 -0.27
CA ASN A 492 -13.95 -32.82 -0.46
C ASN A 492 -13.92 -33.93 0.58
N GLU A 493 -12.73 -34.32 1.03
CA GLU A 493 -12.59 -35.38 2.02
C GLU A 493 -12.75 -34.89 3.45
N GLU A 494 -12.28 -33.65 3.74
CA GLU A 494 -12.23 -33.14 5.11
C GLU A 494 -13.02 -31.86 5.45
N CYS A 495 -13.58 -31.11 4.47
CA CYS A 495 -14.25 -29.84 4.77
C CYS A 495 -15.74 -29.80 4.39
N ARG A 496 -16.11 -30.32 3.20
CA ARG A 496 -17.47 -30.32 2.69
C ARG A 496 -18.48 -30.98 3.63
N ASN A 497 -18.15 -32.19 4.13
CA ASN A 497 -19.00 -32.98 5.03
C ASN A 497 -18.79 -32.69 6.53
N CYS A 498 -17.74 -31.92 6.86
CA CYS A 498 -17.37 -31.54 8.23
C CYS A 498 -18.39 -30.58 8.85
N SER A 499 -18.93 -30.94 10.04
CA SER A 499 -19.91 -30.12 10.77
C SER A 499 -19.34 -29.42 12.02
N THR A 500 -18.23 -29.94 12.58
CA THR A 500 -17.56 -29.41 13.78
C THR A 500 -16.92 -28.05 13.54
N PRO A 503 -11.11 -29.26 11.16
CA PRO A 503 -11.01 -30.56 10.49
C PRO A 503 -10.28 -31.62 11.32
N ASP A 504 -10.48 -32.91 10.97
CA ASP A 504 -9.84 -34.04 11.65
C ASP A 504 -8.33 -34.12 11.35
N ILE A 505 -7.95 -33.85 10.10
CA ILE A 505 -6.57 -33.91 9.63
C ILE A 505 -6.20 -32.59 8.98
N LYS A 506 -4.98 -32.11 9.27
CA LYS A 506 -4.45 -30.86 8.73
C LYS A 506 -4.07 -31.03 7.25
N LEU A 507 -4.00 -29.91 6.51
CA LEU A 507 -3.67 -29.85 5.08
C LEU A 507 -2.36 -30.51 4.70
N TYR A 508 -1.24 -30.12 5.30
CA TYR A 508 0.06 -30.68 4.89
C TYR A 508 0.14 -32.17 5.13
N PRO A 509 -0.24 -32.70 6.34
CA PRO A 509 -0.28 -34.18 6.52
C PRO A 509 -1.17 -34.87 5.47
N PHE A 510 -2.33 -34.26 5.09
CA PHE A 510 -3.21 -34.81 4.04
C PHE A 510 -2.46 -34.95 2.73
N ILE A 511 -1.82 -33.87 2.27
CA ILE A 511 -1.06 -33.84 1.02
C ILE A 511 0.03 -34.91 1.04
N TYR A 512 0.84 -34.97 2.12
CA TYR A 512 1.90 -35.98 2.24
C TYR A 512 1.31 -37.39 2.10
N HIS A 513 0.17 -37.67 2.78
N HIS A 513 0.17 -37.67 2.78
CA HIS A 513 -0.47 -38.99 2.69
CA HIS A 513 -0.48 -38.99 2.73
C HIS A 513 -0.98 -39.26 1.29
C HIS A 513 -1.04 -39.27 1.33
N ALA A 514 -1.72 -38.28 0.70
CA ALA A 514 -2.33 -38.41 -0.63
C ALA A 514 -1.27 -38.73 -1.70
N VAL A 515 -0.13 -38.01 -1.68
CA VAL A 515 0.94 -38.22 -2.66
C VAL A 515 1.70 -39.53 -2.39
N GLU A 516 2.12 -39.79 -1.13
CA GLU A 516 2.89 -40.99 -0.76
C GLU A 516 2.11 -42.32 -0.88
N SER A 517 0.76 -42.29 -0.85
CA SER A 517 -0.01 -43.53 -0.93
C SER A 517 -0.61 -43.78 -2.34
N CYS A 518 -0.56 -42.78 -3.24
CA CYS A 518 -1.07 -42.92 -4.61
C CYS A 518 -0.12 -43.76 -5.46
S DMS B . -17.36 25.04 4.82
O DMS B . -17.35 24.24 6.06
C1 DMS B . -18.84 24.51 4.02
C2 DMS B . -17.88 26.64 5.38
S DMS C . 12.57 9.09 -20.26
O DMS C . 12.15 7.71 -20.47
C1 DMS C . 12.48 9.39 -18.50
C2 DMS C . 14.34 9.03 -20.38
C1 GOL D . 4.20 16.72 -21.78
O1 GOL D . 4.66 16.24 -23.03
C2 GOL D . 4.86 16.01 -20.62
O2 GOL D . 6.24 15.85 -20.88
C3 GOL D . 4.26 14.65 -20.31
O3 GOL D . 3.05 14.77 -19.58
S SO4 E . -24.89 -33.86 -2.44
O1 SO4 E . -24.22 -33.28 -1.30
O2 SO4 E . -23.97 -34.54 -3.29
O3 SO4 E . -25.46 -32.81 -3.21
O4 SO4 E . -25.89 -34.84 -2.00
S SO4 F . -20.78 18.53 -6.57
O1 SO4 F . -19.74 17.66 -6.02
O2 SO4 F . -20.42 19.94 -6.35
O3 SO4 F . -20.93 18.27 -8.00
O4 SO4 F . -22.05 18.26 -5.89
S SO4 G . -17.75 18.01 1.73
O1 SO4 G . -17.82 17.06 2.79
O2 SO4 G . -16.41 18.37 1.36
O3 SO4 G . -18.44 17.41 0.58
O4 SO4 G . -18.43 19.25 2.07
S SO4 H . -16.45 -25.20 -8.00
O1 SO4 H . -16.75 -23.95 -7.31
O2 SO4 H . -15.00 -25.41 -8.07
O3 SO4 H . -16.99 -25.12 -9.36
O4 SO4 H . -17.07 -26.33 -7.30
C1 7JC I . 3.23 -14.19 12.11
C2 7JC I . 2.22 -12.73 10.79
C3 7JC I . 2.55 -11.86 11.78
C7 7JC I . 5.40 -8.07 8.82
C8 7JC I . 6.63 -7.42 8.65
C9 7JC I . 7.45 -7.13 9.73
C10 7JC I . 7.11 -7.60 10.96
C11 7JC I . 5.92 -8.27 11.18
C12 7JC I . 4.35 -9.40 12.68
C13 7JC I . 6.40 -8.47 13.61
C14 7JC I . 6.32 -4.17 7.42
C15 7JC I . 5.59 -3.75 6.18
C16 7JC I . 6.62 -2.85 6.80
O3 7JC I . 5.96 -7.05 6.18
S1 7JC I . 7.07 -6.82 7.05
O2 7JC I . 8.35 -7.36 6.71
N3 7JC I . 7.33 -5.24 7.23
C17 7JC I . 5.60 -4.24 8.77
C6 7JC I . 5.06 -8.51 10.08
C5 7JC I . 3.77 -9.22 10.27
O 7JC I . 2.97 -9.46 9.40
N2 7JC I . 5.53 -8.72 12.46
O1 7JC I . 4.04 -9.77 13.80
N1 7JC I . 3.50 -9.61 11.59
C4 7JC I . 2.29 -10.38 11.84
N 7JC I . 2.59 -14.06 10.95
S 7JC I . 3.38 -12.73 13.03
C 7JC I . 3.78 -15.46 12.64
H3 7JC I . 1.72 -12.49 9.86
H6 7JC I . 4.75 -8.28 7.99
H7 7JC I . 8.40 -6.62 9.59
H8 7JC I . 7.81 -7.36 11.77
H9 7JC I . 7.39 -8.93 13.46
H11 7JC I . 6.03 -8.86 14.56
H10 7JC I . 6.54 -7.41 13.76
H14 7JC I . 4.54 -3.51 6.23
H13 7JC I . 5.79 -4.25 5.24
H16 7JC I . 7.57 -2.68 6.31
H15 7JC I . 6.32 -1.91 7.26
H12 7JC I . 8.26 -4.82 7.25
H19 7JC I . 6.31 -4.18 9.59
H18 7JC I . 5.03 -5.16 8.89
H17 7JC I . 4.89 -3.43 8.86
H5 7JC I . 1.51 -10.12 11.14
H4 7JC I . 1.86 -10.11 12.81
H1 7JC I . 4.60 -15.29 13.34
H2 7JC I . 4.17 -16.10 11.85
H 7JC I . 3.02 -16.04 13.17
#